data_2HZF
#
_entry.id   2HZF
#
_cell.length_a   61.976
_cell.length_b   67.573
_cell.length_c   108.553
_cell.angle_alpha   90.00
_cell.angle_beta   90.00
_cell.angle_gamma   90.00
#
_symmetry.space_group_name_H-M   'C 2 2 21'
#
loop_
_entity.id
_entity.type
_entity.pdbx_description
1 polymer Glutaredoxin-1
2 water water
#
_entity_poly.entity_id   1
_entity_poly.type   'polypeptide(L)'
_entity_poly.pdbx_seq_one_letter_code
;HHHHHQMAEEFVQQRLANNKVTIFVKYTCPFCRNALDILNKFSFKRGAYEIVDIKEFKPENELRDYFEQITGGKTVPRIF
FGKTSIGGYSDLLEIDNMDALGDILSSIGVLRTC
;
_entity_poly.pdbx_strand_id   A,B
#
# COMPACT_ATOMS: atom_id res chain seq x y z
N HIS A 4 -29.57 -1.69 -11.42
CA HIS A 4 -29.03 -0.30 -11.24
C HIS A 4 -27.63 -0.27 -10.70
N HIS A 5 -27.07 -1.42 -10.33
CA HIS A 5 -25.83 -1.44 -9.57
C HIS A 5 -25.17 -2.84 -9.53
N GLN A 6 -23.98 -3.06 -10.25
CA GLN A 6 -23.26 -4.34 -10.05
C GLN A 6 -22.50 -4.26 -8.75
N MET A 7 -22.50 -5.35 -8.02
CA MET A 7 -21.83 -5.39 -6.74
C MET A 7 -20.32 -5.61 -7.01
N ALA A 8 -19.47 -4.95 -6.24
CA ALA A 8 -18.03 -5.21 -6.35
C ALA A 8 -17.67 -6.69 -6.27
N GLU A 9 -18.33 -7.43 -5.37
CA GLU A 9 -18.05 -8.85 -5.20
C GLU A 9 -18.22 -9.61 -6.53
N GLU A 10 -19.26 -9.26 -7.27
CA GLU A 10 -19.56 -9.90 -8.61
C GLU A 10 -18.52 -9.45 -9.64
N PHE A 11 -18.21 -8.16 -9.67
CA PHE A 11 -17.19 -7.68 -10.56
C PHE A 11 -15.90 -8.46 -10.40
N VAL A 12 -15.46 -8.64 -9.15
CA VAL A 12 -14.20 -9.40 -8.91
C VAL A 12 -14.35 -10.90 -9.24
N GLN A 13 -15.35 -11.52 -8.67
CA GLN A 13 -15.42 -12.99 -8.69
C GLN A 13 -15.74 -13.53 -10.09
N GLN A 14 -16.53 -12.78 -10.87
CA GLN A 14 -16.75 -13.16 -12.29
C GLN A 14 -15.45 -13.32 -13.12
N ARG A 15 -14.40 -12.65 -12.70
CA ARG A 15 -13.13 -12.64 -13.43
C ARG A 15 -12.11 -13.64 -12.88
N LEU A 16 -12.48 -14.35 -11.84
CA LEU A 16 -11.51 -15.31 -11.23
C LEU A 16 -11.82 -16.71 -11.81
N ALA A 17 -10.82 -17.60 -11.88
CA ALA A 17 -11.05 -19.00 -12.19
C ALA A 17 -9.97 -19.84 -11.53
N ASN A 18 -10.21 -21.13 -11.38
CA ASN A 18 -9.27 -21.96 -10.59
C ASN A 18 -7.83 -21.99 -11.18
N ASN A 19 -7.76 -22.09 -12.51
CA ASN A 19 -6.48 -22.19 -13.23
C ASN A 19 -6.20 -20.92 -14.04
N LYS A 20 -6.14 -19.79 -13.35
CA LYS A 20 -6.02 -18.51 -13.98
C LYS A 20 -5.33 -17.54 -13.02
N VAL A 21 -4.49 -16.67 -13.56
CA VAL A 21 -3.97 -15.50 -12.82
C VAL A 21 -4.76 -14.26 -13.26
N THR A 22 -5.34 -13.56 -12.28
CA THR A 22 -6.08 -12.31 -12.54
C THR A 22 -5.40 -11.21 -11.71
N ILE A 23 -5.06 -10.08 -12.35
CA ILE A 23 -4.51 -8.93 -11.67
C ILE A 23 -5.38 -7.72 -12.00
N PHE A 24 -5.78 -7.05 -10.92
CA PHE A 24 -6.61 -5.88 -10.98
C PHE A 24 -5.68 -4.64 -10.86
N VAL A 25 -5.77 -3.76 -11.85
CA VAL A 25 -4.88 -2.59 -12.00
C VAL A 25 -5.68 -1.34 -12.33
N LYS A 26 -5.00 -0.21 -12.19
CA LYS A 26 -5.39 1.08 -12.78
C LYS A 26 -4.34 1.57 -13.79
N TYR A 27 -4.84 2.29 -14.79
CA TYR A 27 -4.03 2.85 -15.86
C TYR A 27 -2.70 3.39 -15.36
N THR A 28 -2.77 4.27 -14.37
CA THR A 28 -1.57 4.84 -13.77
C THR A 28 -1.51 4.40 -12.33
N CYS A 29 -0.52 3.58 -12.06
CA CYS A 29 -0.36 3.00 -10.75
C CYS A 29 1.01 2.38 -10.94
N PRO A 30 1.98 2.87 -10.20
CA PRO A 30 3.39 2.56 -10.56
C PRO A 30 3.81 1.19 -10.09
N PHE A 31 3.22 0.78 -8.94
CA PHE A 31 3.37 -0.61 -8.57
C PHE A 31 2.60 -1.49 -9.52
N CYS A 32 1.58 -0.97 -10.20
CA CYS A 32 0.91 -1.81 -11.17
C CYS A 32 1.83 -2.25 -12.29
N ARG A 33 2.52 -1.28 -12.88
CA ARG A 33 3.46 -1.60 -13.95
C ARG A 33 4.53 -2.58 -13.47
N ASN A 34 5.06 -2.37 -12.27
CA ASN A 34 6.08 -3.19 -11.74
C ASN A 34 5.60 -4.64 -11.59
N ALA A 35 4.37 -4.79 -11.17
CA ALA A 35 3.75 -6.10 -11.01
C ALA A 35 3.54 -6.76 -12.35
N LEU A 36 3.00 -6.00 -13.31
CA LEU A 36 2.76 -6.51 -14.63
C LEU A 36 4.04 -6.98 -15.32
N ASP A 37 5.12 -6.27 -15.07
CA ASP A 37 6.42 -6.62 -15.62
C ASP A 37 6.91 -7.96 -15.11
N ILE A 38 6.64 -8.29 -13.83
CA ILE A 38 6.97 -9.62 -13.33
C ILE A 38 6.18 -10.73 -14.09
N LEU A 39 4.86 -10.59 -14.15
CA LEU A 39 4.00 -11.55 -14.73
C LEU A 39 4.24 -11.64 -16.21
N ASN A 40 4.53 -10.51 -16.90
CA ASN A 40 4.76 -10.52 -18.32
C ASN A 40 6.08 -11.23 -18.75
N LYS A 41 6.85 -11.68 -17.79
CA LYS A 41 7.99 -12.52 -18.12
C LYS A 41 7.54 -13.93 -18.58
N PHE A 42 6.30 -14.34 -18.28
CA PHE A 42 5.91 -15.72 -18.48
C PHE A 42 4.92 -15.80 -19.67
N SER A 43 4.79 -16.96 -20.29
CA SER A 43 3.79 -17.14 -21.35
C SER A 43 2.69 -18.00 -20.74
N PHE A 44 1.44 -17.55 -20.88
CA PHE A 44 0.29 -18.21 -20.30
C PHE A 44 -0.58 -18.93 -21.31
N LYS A 45 -1.30 -19.95 -20.86
CA LYS A 45 -2.30 -20.61 -21.67
C LYS A 45 -3.38 -19.62 -22.04
N ARG A 46 -4.07 -19.92 -23.14
CA ARG A 46 -5.23 -19.10 -23.49
C ARG A 46 -6.23 -19.01 -22.36
N GLY A 47 -6.62 -17.78 -22.02
CA GLY A 47 -7.65 -17.48 -21.02
C GLY A 47 -7.16 -17.60 -19.57
N ALA A 48 -5.88 -17.95 -19.44
CA ALA A 48 -5.30 -18.20 -18.11
C ALA A 48 -4.69 -16.99 -17.43
N TYR A 49 -4.73 -15.82 -18.03
CA TYR A 49 -4.15 -14.58 -17.50
C TYR A 49 -5.00 -13.39 -17.96
N GLU A 50 -5.50 -12.60 -17.00
CA GLU A 50 -6.32 -11.44 -17.35
C GLU A 50 -5.90 -10.25 -16.52
N ILE A 51 -5.73 -9.12 -17.22
CA ILE A 51 -5.42 -7.86 -16.60
C ILE A 51 -6.75 -7.05 -16.60
N VAL A 52 -7.22 -6.67 -15.41
CA VAL A 52 -8.53 -6.10 -15.24
C VAL A 52 -8.33 -4.61 -14.84
N ASP A 53 -8.85 -3.75 -15.70
CA ASP A 53 -8.86 -2.28 -15.44
C ASP A 53 -9.99 -1.92 -14.48
N ILE A 54 -9.65 -1.55 -13.26
CA ILE A 54 -10.73 -1.29 -12.33
C ILE A 54 -11.53 0.02 -12.58
N LYS A 55 -11.07 0.86 -13.50
CA LYS A 55 -11.91 2.02 -13.85
C LYS A 55 -13.23 1.61 -14.50
N GLU A 56 -13.36 0.36 -14.93
CA GLU A 56 -14.65 -0.15 -15.37
C GLU A 56 -15.69 -0.27 -14.23
N PHE A 57 -15.26 -0.20 -12.97
CA PHE A 57 -16.19 -0.30 -11.85
C PHE A 57 -16.35 1.02 -11.08
N LYS A 58 -17.58 1.39 -10.80
CA LYS A 58 -17.96 2.49 -9.93
C LYS A 58 -19.09 2.04 -9.03
N PRO A 59 -19.09 2.51 -7.80
CA PRO A 59 -18.09 3.46 -7.26
C PRO A 59 -16.81 2.78 -6.76
N GLU A 60 -15.72 3.50 -6.97
CA GLU A 60 -14.42 2.97 -6.62
C GLU A 60 -14.35 2.50 -5.14
N ASN A 61 -14.97 3.26 -4.26
CA ASN A 61 -14.91 2.93 -2.84
C ASN A 61 -15.55 1.59 -2.47
N GLU A 62 -16.53 1.18 -3.22
CA GLU A 62 -17.21 -0.09 -2.92
C GLU A 62 -16.21 -1.22 -3.29
N LEU A 63 -15.48 -1.05 -4.37
CA LEU A 63 -14.55 -2.09 -4.81
C LEU A 63 -13.33 -2.12 -3.86
N ARG A 64 -12.86 -0.94 -3.48
CA ARG A 64 -11.80 -0.84 -2.42
C ARG A 64 -12.22 -1.61 -1.15
N ASP A 65 -13.41 -1.34 -0.66
CA ASP A 65 -13.93 -1.97 0.58
C ASP A 65 -14.04 -3.54 0.48
N TYR A 66 -14.46 -4.00 -0.69
CA TYR A 66 -14.47 -5.41 -0.99
C TYR A 66 -13.10 -6.00 -1.06
N PHE A 67 -12.14 -5.38 -1.78
CA PHE A 67 -10.77 -5.87 -1.81
C PHE A 67 -10.16 -6.00 -0.40
N GLU A 68 -10.47 -5.01 0.43
CA GLU A 68 -10.02 -5.04 1.82
C GLU A 68 -10.51 -6.29 2.55
N GLN A 69 -11.80 -6.60 2.43
CA GLN A 69 -12.41 -7.78 3.09
C GLN A 69 -11.79 -9.10 2.67
N ILE A 70 -11.47 -9.27 1.38
CA ILE A 70 -10.98 -10.56 0.91
C ILE A 70 -9.50 -10.62 0.58
N THR A 71 -8.81 -9.48 0.57
CA THR A 71 -7.35 -9.52 0.33
C THR A 71 -6.53 -8.80 1.42
N GLY A 72 -7.18 -8.14 2.37
CA GLY A 72 -6.50 -7.32 3.39
C GLY A 72 -5.97 -5.95 2.97
N GLY A 73 -6.12 -5.56 1.71
CA GLY A 73 -5.69 -4.29 1.26
C GLY A 73 -6.73 -3.74 0.30
N LYS A 74 -6.72 -2.42 0.14
CA LYS A 74 -7.72 -1.69 -0.61
C LYS A 74 -7.32 -1.35 -2.02
N THR A 75 -6.03 -1.17 -2.26
CA THR A 75 -5.59 -0.55 -3.48
C THR A 75 -4.79 -1.47 -4.41
N VAL A 76 -4.89 -1.16 -5.69
CA VAL A 76 -4.26 -1.92 -6.74
C VAL A 76 -2.75 -1.75 -6.70
N PRO A 77 -2.00 -2.71 -7.26
CA PRO A 77 -2.54 -3.93 -7.86
C PRO A 77 -3.01 -4.91 -6.81
N ARG A 78 -4.01 -5.74 -7.18
CA ARG A 78 -4.45 -6.85 -6.38
C ARG A 78 -4.31 -8.09 -7.26
N ILE A 79 -3.54 -9.08 -6.79
CA ILE A 79 -3.22 -10.25 -7.60
C ILE A 79 -3.87 -11.51 -7.03
N PHE A 80 -4.41 -12.34 -7.92
CA PHE A 80 -5.09 -13.58 -7.61
C PHE A 80 -4.46 -14.69 -8.42
N PHE A 81 -4.03 -15.74 -7.72
CA PHE A 81 -3.56 -16.99 -8.34
C PHE A 81 -4.69 -17.98 -8.10
N GLY A 82 -5.41 -18.34 -9.12
CA GLY A 82 -6.65 -19.01 -8.93
C GLY A 82 -7.62 -18.08 -8.27
N LYS A 83 -8.48 -18.61 -7.36
CA LYS A 83 -9.40 -17.78 -6.58
C LYS A 83 -8.80 -17.18 -5.31
N THR A 84 -7.51 -17.43 -5.08
CA THR A 84 -6.80 -16.99 -3.93
C THR A 84 -6.02 -15.73 -4.10
N SER A 85 -6.25 -14.80 -3.16
CA SER A 85 -5.50 -13.57 -3.11
C SER A 85 -4.06 -13.73 -2.63
N ILE A 86 -3.17 -13.17 -3.41
CA ILE A 86 -1.73 -13.14 -3.16
C ILE A 86 -1.33 -11.81 -2.49
N GLY A 87 -2.11 -10.77 -2.77
CA GLY A 87 -1.87 -9.41 -2.27
C GLY A 87 -1.42 -8.48 -3.37
N GLY A 88 -0.31 -7.81 -3.15
CA GLY A 88 0.07 -6.71 -4.02
C GLY A 88 1.46 -6.92 -4.55
N TYR A 89 2.08 -5.82 -4.98
CA TYR A 89 3.34 -5.88 -5.64
C TYR A 89 4.43 -6.47 -4.76
N SER A 90 4.62 -6.03 -3.51
CA SER A 90 5.74 -6.59 -2.77
C SER A 90 5.51 -8.05 -2.46
N ASP A 91 4.25 -8.49 -2.43
CA ASP A 91 3.94 -9.93 -2.22
C ASP A 91 4.45 -10.73 -3.41
N LEU A 92 4.17 -10.22 -4.59
CA LEU A 92 4.59 -10.90 -5.81
C LEU A 92 6.12 -10.88 -5.94
N LEU A 93 6.70 -9.69 -5.66
CA LEU A 93 8.14 -9.55 -5.73
C LEU A 93 8.83 -10.51 -4.81
N GLU A 94 8.30 -10.70 -3.61
CA GLU A 94 8.84 -11.64 -2.65
C GLU A 94 8.84 -13.07 -3.18
N ILE A 95 7.76 -13.48 -3.83
CA ILE A 95 7.71 -14.83 -4.43
C ILE A 95 8.77 -14.95 -5.56
N ASP A 96 8.91 -13.91 -6.38
CA ASP A 96 9.85 -13.93 -7.46
C ASP A 96 11.26 -14.03 -6.93
N ASN A 97 11.58 -13.18 -5.96
CA ASN A 97 12.92 -13.14 -5.39
C ASN A 97 13.31 -14.46 -4.79
N MET A 98 12.37 -15.17 -4.19
CA MET A 98 12.62 -16.55 -3.68
C MET A 98 12.71 -17.57 -4.80
N ASP A 99 12.53 -17.14 -6.05
CA ASP A 99 12.48 -18.08 -7.17
C ASP A 99 11.42 -19.19 -7.00
N ALA A 100 10.30 -18.83 -6.41
CA ALA A 100 9.17 -19.76 -6.19
C ALA A 100 8.06 -19.54 -7.20
N LEU A 101 8.14 -18.46 -7.96
CA LEU A 101 7.03 -18.07 -8.82
C LEU A 101 6.81 -19.03 -9.97
N GLY A 102 7.90 -19.48 -10.60
CA GLY A 102 7.75 -20.42 -11.68
C GLY A 102 7.12 -21.70 -11.25
N ASP A 103 7.54 -22.22 -10.08
CA ASP A 103 6.92 -23.40 -9.57
C ASP A 103 5.44 -23.19 -9.28
N ILE A 104 5.08 -22.05 -8.69
CA ILE A 104 3.69 -21.82 -8.34
C ILE A 104 2.85 -21.74 -9.60
N LEU A 105 3.35 -21.00 -10.59
CA LEU A 105 2.63 -20.87 -11.86
C LEU A 105 2.44 -22.23 -12.56
N SER A 106 3.47 -23.06 -12.49
CA SER A 106 3.38 -24.44 -13.01
C SER A 106 2.28 -25.22 -12.30
N SER A 107 2.33 -25.23 -10.99
CA SER A 107 1.31 -25.96 -10.19
C SER A 107 -0.11 -25.58 -10.52
N ILE A 108 -0.36 -24.29 -10.78
CA ILE A 108 -1.75 -23.87 -10.90
C ILE A 108 -2.27 -23.97 -12.34
N GLY A 109 -1.41 -24.48 -13.21
CA GLY A 109 -1.89 -24.87 -14.53
C GLY A 109 -2.03 -23.75 -15.52
N VAL A 110 -1.30 -22.64 -15.37
CA VAL A 110 -1.51 -21.50 -16.24
C VAL A 110 -0.46 -21.30 -17.31
N LEU A 111 0.61 -22.05 -17.23
CA LEU A 111 1.76 -21.80 -18.12
C LEU A 111 1.64 -22.55 -19.42
N ARG A 112 1.99 -21.88 -20.50
CA ARG A 112 2.10 -22.51 -21.80
C ARG A 112 3.37 -23.36 -21.85
N THR A 113 3.26 -24.59 -22.31
CA THR A 113 4.45 -25.47 -22.30
C THR A 113 4.99 -25.85 -23.68
N HIS B 5 12.47 -12.64 5.68
CA HIS B 5 12.62 -11.20 5.88
C HIS B 5 11.27 -10.53 5.59
N GLN B 6 10.95 -9.53 6.38
CA GLN B 6 9.82 -8.67 6.12
C GLN B 6 10.09 -7.65 5.00
N MET B 7 9.11 -7.50 4.11
CA MET B 7 9.15 -6.52 3.04
C MET B 7 8.94 -5.15 3.66
N ALA B 8 9.67 -4.14 3.16
CA ALA B 8 9.48 -2.79 3.68
C ALA B 8 8.02 -2.36 3.60
N GLU B 9 7.38 -2.65 2.46
CA GLU B 9 5.96 -2.31 2.26
C GLU B 9 5.08 -2.83 3.41
N GLU B 10 5.36 -4.01 3.90
CA GLU B 10 4.58 -4.55 4.98
C GLU B 10 4.90 -3.85 6.25
N PHE B 11 6.18 -3.63 6.53
CA PHE B 11 6.57 -2.91 7.77
C PHE B 11 5.81 -1.57 7.90
N VAL B 12 5.75 -0.84 6.78
CA VAL B 12 5.12 0.50 6.81
C VAL B 12 3.58 0.37 6.88
N GLN B 13 3.04 -0.41 5.98
CA GLN B 13 1.55 -0.48 5.80
C GLN B 13 0.85 -1.03 7.03
N GLN B 14 1.53 -1.89 7.76
CA GLN B 14 0.95 -2.45 8.97
C GLN B 14 0.82 -1.42 10.08
N ARG B 15 1.67 -0.38 10.08
CA ARG B 15 1.55 0.62 11.09
C ARG B 15 0.52 1.72 10.76
N LEU B 16 0.12 1.84 9.48
CA LEU B 16 -0.83 2.90 9.08
C LEU B 16 -2.26 2.50 9.38
N ALA B 17 -3.14 3.50 9.59
CA ALA B 17 -4.57 3.23 9.65
C ALA B 17 -5.34 4.46 9.13
N ASN B 18 -6.59 4.27 8.76
CA ASN B 18 -7.45 5.35 8.21
C ASN B 18 -7.46 6.62 9.02
N ASN B 19 -7.67 6.49 10.34
CA ASN B 19 -7.91 7.63 11.26
C ASN B 19 -6.76 7.63 12.26
N LYS B 20 -5.57 7.78 11.70
CA LYS B 20 -4.29 7.73 12.49
C LYS B 20 -3.21 8.58 11.85
N VAL B 21 -2.41 9.22 12.71
CA VAL B 21 -1.19 9.85 12.27
C VAL B 21 -0.01 8.95 12.65
N THR B 22 0.77 8.61 11.65
CA THR B 22 2.04 7.82 11.85
C THR B 22 3.26 8.55 11.32
N ILE B 23 4.29 8.63 12.17
CA ILE B 23 5.50 9.34 11.84
C ILE B 23 6.67 8.41 12.08
N PHE B 24 7.46 8.24 11.04
CA PHE B 24 8.63 7.37 11.09
C PHE B 24 9.90 8.22 11.30
N VAL B 25 10.66 7.91 12.35
CA VAL B 25 11.76 8.73 12.77
C VAL B 25 12.96 7.87 13.09
N LYS B 26 14.10 8.51 13.35
CA LYS B 26 15.25 7.80 13.96
C LYS B 26 15.46 8.39 15.33
N TYR B 27 16.18 7.65 16.18
CA TYR B 27 16.50 8.17 17.55
C TYR B 27 17.17 9.55 17.56
N THR B 28 18.17 9.71 16.71
CA THR B 28 18.81 11.00 16.50
C THR B 28 18.52 11.45 15.09
N CYS B 29 17.92 12.63 15.02
CA CYS B 29 17.40 13.20 13.81
C CYS B 29 16.76 14.52 14.25
N PRO B 30 17.47 15.62 14.07
CA PRO B 30 17.02 16.89 14.65
C PRO B 30 15.72 17.38 13.99
N PHE B 31 15.60 17.28 12.65
CA PHE B 31 14.29 17.63 12.11
C PHE B 31 13.18 16.67 12.61
N CYS B 32 13.52 15.46 13.03
CA CYS B 32 12.54 14.58 13.69
C CYS B 32 12.05 15.29 14.96
N ARG B 33 12.97 15.84 15.77
CA ARG B 33 12.53 16.62 16.94
C ARG B 33 11.59 17.80 16.63
N ASN B 34 11.90 18.55 15.59
CA ASN B 34 11.11 19.72 15.27
C ASN B 34 9.69 19.24 14.88
N ALA B 35 9.64 18.14 14.11
CA ALA B 35 8.36 17.62 13.65
C ALA B 35 7.53 17.13 14.82
N LEU B 36 8.18 16.42 15.74
CA LEU B 36 7.50 15.89 16.88
C LEU B 36 6.95 17.01 17.79
N ASP B 37 7.66 18.12 17.86
CA ASP B 37 7.20 19.21 18.69
C ASP B 37 5.97 19.83 18.03
N ILE B 38 5.93 19.87 16.68
CA ILE B 38 4.77 20.41 16.01
C ILE B 38 3.54 19.62 16.39
N LEU B 39 3.66 18.30 16.27
CA LEU B 39 2.50 17.38 16.47
C LEU B 39 2.08 17.34 17.96
N ASN B 40 3.06 17.49 18.83
CA ASN B 40 2.89 17.55 20.28
C ASN B 40 1.95 18.71 20.78
N LYS B 41 1.68 19.68 19.94
CA LYS B 41 0.74 20.77 20.28
C LYS B 41 -0.69 20.24 20.39
N PHE B 42 -0.97 19.07 19.79
CA PHE B 42 -2.30 18.50 19.77
C PHE B 42 -2.44 17.31 20.69
N SER B 43 -3.66 17.08 21.18
CA SER B 43 -3.93 15.83 21.88
C SER B 43 -4.73 14.90 20.99
N PHE B 44 -4.30 13.64 20.97
CA PHE B 44 -4.86 12.64 20.06
C PHE B 44 -5.66 11.57 20.80
N LYS B 45 -6.61 10.99 20.10
CA LYS B 45 -7.28 9.81 20.56
C LYS B 45 -6.26 8.67 20.75
N ARG B 46 -6.55 7.80 21.69
CA ARG B 46 -5.75 6.59 21.92
C ARG B 46 -5.68 5.76 20.66
N GLY B 47 -4.46 5.42 20.26
CA GLY B 47 -4.18 4.73 19.01
C GLY B 47 -4.13 5.53 17.73
N ALA B 48 -4.40 6.85 17.81
CA ALA B 48 -4.53 7.66 16.62
C ALA B 48 -3.22 8.39 16.28
N TYR B 49 -2.18 8.18 17.09
CA TYR B 49 -0.86 8.75 16.85
C TYR B 49 0.20 7.78 17.25
N GLU B 50 1.12 7.49 16.30
CA GLU B 50 2.26 6.57 16.58
C GLU B 50 3.54 7.10 16.00
N ILE B 51 4.57 7.03 16.80
CA ILE B 51 5.92 7.44 16.48
C ILE B 51 6.70 6.14 16.31
N VAL B 52 7.13 5.89 15.07
CA VAL B 52 7.78 4.59 14.73
C VAL B 52 9.27 4.76 14.53
N ASP B 53 10.05 4.03 15.33
CA ASP B 53 11.47 4.09 15.24
C ASP B 53 11.88 3.10 14.14
N ILE B 54 12.50 3.65 13.11
CA ILE B 54 12.80 2.85 11.94
C ILE B 54 13.90 1.85 12.22
N LYS B 55 14.54 1.91 13.40
CA LYS B 55 15.61 0.95 13.73
C LYS B 55 15.02 -0.44 13.83
N GLU B 56 13.71 -0.52 14.00
CA GLU B 56 12.98 -1.77 13.97
C GLU B 56 13.01 -2.59 12.67
N PHE B 57 13.41 -1.96 11.57
CA PHE B 57 13.43 -2.61 10.24
C PHE B 57 14.88 -2.61 9.71
N LYS B 58 15.30 -3.76 9.23
CA LYS B 58 16.51 -3.96 8.44
C LYS B 58 16.19 -4.71 7.17
N PRO B 59 16.86 -4.39 6.06
CA PRO B 59 17.87 -3.36 5.93
C PRO B 59 17.34 -1.96 5.71
N GLU B 60 18.06 -1.01 6.31
CA GLU B 60 17.67 0.40 6.24
C GLU B 60 17.45 0.90 4.85
N ASN B 61 18.31 0.52 3.90
CA ASN B 61 18.21 1.01 2.51
C ASN B 61 16.94 0.52 1.78
N GLU B 62 16.48 -0.68 2.09
CA GLU B 62 15.21 -1.17 1.53
C GLU B 62 14.04 -0.28 1.97
N LEU B 63 14.01 0.05 3.25
CA LEU B 63 12.94 0.89 3.75
C LEU B 63 13.02 2.27 3.14
N ARG B 64 14.23 2.81 3.02
CA ARG B 64 14.40 4.10 2.36
C ARG B 64 13.97 4.08 0.90
N ASP B 65 14.30 2.99 0.22
CA ASP B 65 13.86 2.88 -1.17
C ASP B 65 12.33 2.85 -1.28
N TYR B 66 11.72 2.14 -0.36
CA TYR B 66 10.27 2.11 -0.31
C TYR B 66 9.65 3.50 -0.01
N PHE B 67 10.25 4.24 0.93
CA PHE B 67 9.78 5.58 1.21
C PHE B 67 9.87 6.49 0.02
N GLU B 68 10.98 6.40 -0.70
CA GLU B 68 11.17 7.14 -1.92
C GLU B 68 10.05 6.88 -2.92
N GLN B 69 9.64 5.63 -3.05
CA GLN B 69 8.62 5.23 -4.02
C GLN B 69 7.24 5.74 -3.67
N ILE B 70 6.90 5.79 -2.38
CA ILE B 70 5.56 6.12 -2.00
C ILE B 70 5.45 7.46 -1.31
N THR B 71 6.57 8.10 -0.99
CA THR B 71 6.47 9.42 -0.35
C THR B 71 7.23 10.50 -1.11
N GLY B 72 7.90 10.13 -2.18
CA GLY B 72 8.79 11.04 -2.86
C GLY B 72 10.11 11.35 -2.17
N GLY B 73 10.40 10.78 -1.01
CA GLY B 73 11.67 11.05 -0.40
C GLY B 73 12.04 9.97 0.58
N LYS B 74 13.30 9.97 0.97
CA LYS B 74 13.94 8.97 1.75
C LYS B 74 14.26 9.49 3.18
N THR B 75 14.35 10.78 3.35
CA THR B 75 14.86 11.34 4.59
C THR B 75 13.82 11.29 5.72
N VAL B 76 14.21 10.87 6.92
CA VAL B 76 13.29 10.93 8.07
C VAL B 76 13.25 12.36 8.60
N PRO B 77 12.11 12.79 9.14
CA PRO B 77 10.89 11.97 9.36
C PRO B 77 10.06 11.81 8.11
N ARG B 78 9.36 10.68 8.02
CA ARG B 78 8.33 10.49 6.95
C ARG B 78 6.98 10.48 7.64
N ILE B 79 6.07 11.34 7.18
CA ILE B 79 4.82 11.60 7.92
C ILE B 79 3.58 11.09 7.12
N PHE B 80 2.71 10.35 7.80
CA PHE B 80 1.47 9.80 7.20
C PHE B 80 0.22 10.29 7.94
N PHE B 81 -0.69 10.87 7.19
CA PHE B 81 -2.01 11.20 7.71
C PHE B 81 -2.95 10.17 7.09
N GLY B 82 -3.45 9.23 7.89
CA GLY B 82 -4.14 8.08 7.34
C GLY B 82 -3.13 7.24 6.60
N LYS B 83 -3.51 6.67 5.49
CA LYS B 83 -2.59 5.87 4.68
C LYS B 83 -1.79 6.73 3.78
N THR B 84 -2.02 8.04 3.83
CA THR B 84 -1.45 8.93 2.82
C THR B 84 -0.26 9.70 3.33
N SER B 85 0.85 9.68 2.60
CA SER B 85 2.04 10.45 2.92
C SER B 85 1.86 11.92 2.66
N ILE B 86 2.21 12.71 3.64
CA ILE B 86 2.34 14.18 3.55
C ILE B 86 3.77 14.58 3.07
N GLY B 87 4.69 13.64 3.24
CA GLY B 87 6.10 13.80 2.93
C GLY B 87 6.86 13.91 4.24
N GLY B 88 7.63 14.99 4.36
CA GLY B 88 8.59 15.17 5.43
C GLY B 88 8.40 16.43 6.27
N TYR B 89 9.44 16.79 6.99
CA TYR B 89 9.34 17.86 7.97
C TYR B 89 8.88 19.14 7.30
N SER B 90 9.52 19.47 6.17
CA SER B 90 9.23 20.70 5.42
C SER B 90 7.76 20.75 5.07
N ASP B 91 7.20 19.60 4.73
CA ASP B 91 5.78 19.53 4.42
C ASP B 91 4.88 19.85 5.62
N LEU B 92 5.21 19.26 6.75
CA LEU B 92 4.51 19.44 7.98
C LEU B 92 4.62 20.93 8.37
N LEU B 93 5.81 21.48 8.24
CA LEU B 93 6.04 22.84 8.66
C LEU B 93 5.19 23.80 7.82
N GLU B 94 5.12 23.57 6.51
CA GLU B 94 4.31 24.43 5.65
C GLU B 94 2.83 24.42 6.06
N ILE B 95 2.29 23.23 6.33
CA ILE B 95 0.92 23.11 6.75
C ILE B 95 0.69 23.81 8.11
N ASP B 96 1.64 23.66 9.04
CA ASP B 96 1.59 24.34 10.35
C ASP B 96 1.63 25.87 10.19
N ASN B 97 2.53 26.37 9.34
CA ASN B 97 2.62 27.81 9.08
C ASN B 97 1.33 28.43 8.55
N MET B 98 0.59 27.70 7.71
CA MET B 98 -0.66 28.23 7.12
C MET B 98 -1.84 28.05 8.07
N ASP B 99 -1.56 27.55 9.27
CA ASP B 99 -2.59 27.20 10.23
C ASP B 99 -3.65 26.28 9.66
N ALA B 100 -3.21 25.31 8.85
CA ALA B 100 -4.07 24.27 8.28
C ALA B 100 -4.02 22.96 9.02
N LEU B 101 -3.07 22.79 9.92
CA LEU B 101 -2.85 21.51 10.54
C LEU B 101 -4.01 21.10 11.41
N GLY B 102 -4.51 22.00 12.26
CA GLY B 102 -5.61 21.64 13.14
C GLY B 102 -6.85 21.15 12.40
N ASP B 103 -7.22 21.85 11.32
CA ASP B 103 -8.34 21.51 10.50
C ASP B 103 -8.16 20.13 9.82
N ILE B 104 -6.95 19.86 9.38
CA ILE B 104 -6.65 18.54 8.68
C ILE B 104 -6.81 17.45 9.72
N LEU B 105 -6.17 17.60 10.88
CA LEU B 105 -6.26 16.57 11.94
C LEU B 105 -7.70 16.35 12.39
N SER B 106 -8.46 17.43 12.48
CA SER B 106 -9.87 17.29 12.82
C SER B 106 -10.58 16.48 11.80
N SER B 107 -10.35 16.79 10.53
CA SER B 107 -11.08 16.04 9.45
C SER B 107 -10.76 14.52 9.44
N ILE B 108 -9.49 14.18 9.70
CA ILE B 108 -9.11 12.74 9.72
C ILE B 108 -9.45 12.01 11.03
N GLY B 109 -10.07 12.69 11.99
CA GLY B 109 -10.67 12.01 13.15
C GLY B 109 -9.71 11.56 14.23
N VAL B 110 -8.57 12.19 14.30
CA VAL B 110 -7.47 11.83 15.25
C VAL B 110 -7.44 12.60 16.53
N LEU B 111 -8.11 13.75 16.56
CA LEU B 111 -8.00 14.62 17.71
C LEU B 111 -8.99 14.17 18.81
N ARG B 112 -8.50 14.24 20.07
CA ARG B 112 -9.34 14.06 21.24
C ARG B 112 -10.41 15.14 21.19
N THR B 113 -11.61 14.75 21.58
CA THR B 113 -12.73 15.66 21.64
C THR B 113 -13.44 15.50 22.97
#